data_3UH2
#
_entry.id   3UH2
#
_cell.length_a   125.260
_cell.length_b   43.300
_cell.length_c   88.540
_cell.angle_alpha   90.00
_cell.angle_beta   91.36
_cell.angle_gamma   90.00
#
_symmetry.space_group_name_H-M   'C 1 2 1'
#
loop_
_entity.id
_entity.type
_entity.pdbx_description
1 polymer Tankyrase-1
2 non-polymer 'ZINC ION'
3 non-polymer N~2~,N~2~-DIMETHYL-N~1~-(6-OXO-5,6-DIHYDROPHENANTHRIDIN-2-YL)GLYCINAMIDE
4 non-polymer 'SULFATE ION'
5 water water
#
_entity_poly.entity_id   1
_entity_poly.type   'polypeptide(L)'
_entity_poly.pdbx_seq_one_letter_code
;GGTILLDLAPEDKEYQSVEEEMQSTIREHRDGGNAGGIFNRYNVIRIQKVVNKKLRERFCHRQKEVSEENHNHHNERMLF
HGSPFINAIIHKGFDERHAYIGGMFGAGIYFAENSSKSNQYVYGIGGGTGCPTHKDRSCYICHRQMLFCRVTLGKSFLQF
STIKMAHAPPGHHSVIGRPSVNGLAYAEYVIYRGEQAYPEYLITYQIMKPEAPSQTATAAEQKT
;
_entity_poly.pdbx_strand_id   A,B
#
loop_
_chem_comp.id
_chem_comp.type
_chem_comp.name
_chem_comp.formula
P34 non-polymer N~2~,N~2~-DIMETHYL-N~1~-(6-OXO-5,6-DIHYDROPHENANTHRIDIN-2-YL)GLYCINAMIDE 'C17 H17 N3 O2'
SO4 non-polymer 'SULFATE ION' 'O4 S -2'
ZN non-polymer 'ZINC ION' 'Zn 2'
#
# COMPACT_ATOMS: atom_id res chain seq x y z
N GLY A 2 -10.46 18.61 11.42
CA GLY A 2 -9.10 19.13 11.50
C GLY A 2 -8.36 18.73 12.76
N THR A 3 -7.06 18.98 12.81
CA THR A 3 -6.22 18.60 13.92
C THR A 3 -6.27 19.60 15.06
N ILE A 4 -6.45 19.11 16.27
CA ILE A 4 -6.36 19.90 17.50
C ILE A 4 -5.13 19.38 18.20
N LEU A 5 -4.39 20.30 18.84
CA LEU A 5 -3.24 19.99 19.66
C LEU A 5 -3.62 20.23 21.14
N LEU A 6 -3.48 19.20 21.96
CA LEU A 6 -3.77 19.31 23.38
C LEU A 6 -2.41 19.54 24.06
N ASP A 7 -2.28 20.61 24.85
CA ASP A 7 -1.01 20.96 25.48
C ASP A 7 -0.84 20.26 26.83
N LEU A 8 0.08 19.28 26.88
CA LEU A 8 0.34 18.55 28.11
C LEU A 8 1.12 19.42 29.05
N ALA A 9 0.73 19.46 30.32
CA ALA A 9 1.41 20.28 31.32
C ALA A 9 2.63 19.49 31.85
N PRO A 10 3.78 20.13 32.21
CA PRO A 10 4.94 19.36 32.71
C PRO A 10 4.66 18.52 33.96
N GLU A 11 3.62 18.91 34.73
CA GLU A 11 3.19 18.21 35.95
C GLU A 11 2.42 16.91 35.61
N ASP A 12 1.91 16.79 34.36
CA ASP A 12 1.20 15.58 33.91
C ASP A 12 2.14 14.35 33.93
N LYS A 13 1.62 13.17 34.31
CA LYS A 13 2.37 11.92 34.34
C LYS A 13 2.73 11.52 32.87
N GLU A 14 1.81 11.77 31.94
CA GLU A 14 1.90 11.52 30.51
C GLU A 14 3.07 12.34 29.91
N TYR A 15 3.17 13.66 30.24
CA TYR A 15 4.28 14.49 29.78
C TYR A 15 5.60 13.89 30.26
N GLN A 16 5.67 13.54 31.55
CA GLN A 16 6.88 12.96 32.18
C GLN A 16 7.30 11.62 31.55
N SER A 17 6.33 10.73 31.30
CA SER A 17 6.52 9.43 30.67
C SER A 17 7.17 9.62 29.26
N VAL A 18 6.59 10.52 28.44
CA VAL A 18 7.07 10.83 27.10
C VAL A 18 8.49 11.39 27.17
N GLU A 19 8.71 12.43 28.00
CA GLU A 19 10.03 13.05 28.15
C GLU A 19 11.07 12.01 28.58
N GLU A 20 10.74 11.18 29.57
CA GLU A 20 11.66 10.16 30.07
C GLU A 20 12.01 9.14 28.98
N GLU A 21 11.04 8.77 28.11
CA GLU A 21 11.29 7.86 26.99
C GLU A 21 12.26 8.52 26.00
N MET A 22 12.07 9.82 25.77
CA MET A 22 12.94 10.58 24.90
C MET A 22 14.37 10.73 25.52
N GLN A 23 14.46 11.13 26.82
CA GLN A 23 15.74 11.32 27.50
C GLN A 23 16.57 10.05 27.66
N SER A 24 15.93 8.93 28.06
CA SER A 24 16.62 7.66 28.29
C SER A 24 17.08 6.90 27.04
N THR A 25 16.66 7.33 25.85
CA THR A 25 16.95 6.59 24.60
C THR A 25 17.95 7.27 23.70
N ILE A 26 18.70 8.27 24.21
CA ILE A 26 19.77 8.95 23.47
C ILE A 26 20.94 7.97 23.39
N ARG A 27 21.53 7.84 22.22
CA ARG A 27 22.65 6.91 22.09
C ARG A 27 23.72 7.50 21.21
N GLU A 28 24.94 6.92 21.26
CA GLU A 28 26.01 7.37 20.39
C GLU A 28 25.75 6.78 19.01
N HIS A 29 25.85 7.61 17.98
CA HIS A 29 25.60 7.13 16.63
C HIS A 29 26.91 7.01 15.92
N ARG A 30 26.97 6.09 14.95
CA ARG A 30 28.16 5.74 14.16
C ARG A 30 28.74 6.97 13.47
N ASP A 31 27.89 7.89 13.00
CA ASP A 31 28.34 9.10 12.33
C ASP A 31 28.97 10.16 13.28
N GLY A 32 29.11 9.82 14.56
CA GLY A 32 29.72 10.71 15.56
C GLY A 32 29.02 12.02 15.83
N GLY A 33 27.72 12.06 15.52
CA GLY A 33 26.87 13.23 15.71
C GLY A 33 26.77 14.10 14.49
N ASN A 34 27.35 13.67 13.32
CA ASN A 34 27.25 14.47 12.09
C ASN A 34 25.78 14.86 11.72
N ALA A 35 24.88 13.88 11.75
CA ALA A 35 23.48 14.11 11.33
C ALA A 35 22.64 14.88 12.33
N GLY A 36 22.65 14.44 13.57
CA GLY A 36 21.75 14.96 14.60
C GLY A 36 22.32 15.93 15.60
N GLY A 37 23.64 16.04 15.63
CA GLY A 37 24.29 16.95 16.55
C GLY A 37 24.86 16.28 17.76
N ILE A 38 25.65 17.05 18.54
CA ILE A 38 26.30 16.48 19.73
C ILE A 38 25.55 16.97 20.99
N PHE A 39 25.09 16.03 21.81
CA PHE A 39 24.30 16.33 23.02
C PHE A 39 24.16 15.04 23.83
N ASN A 40 23.89 15.16 25.14
CA ASN A 40 23.63 14.05 26.08
C ASN A 40 22.21 14.10 26.59
N ARG A 41 21.54 15.23 26.34
CA ARG A 41 20.15 15.43 26.76
C ARG A 41 19.42 16.48 25.94
N TYR A 42 18.11 16.47 26.05
CA TYR A 42 17.29 17.47 25.39
C TYR A 42 16.71 18.44 26.38
N ASN A 43 16.36 19.60 25.86
CA ASN A 43 15.57 20.58 26.58
C ASN A 43 14.21 20.48 25.89
N VAL A 44 13.24 19.81 26.52
CA VAL A 44 11.87 19.66 26.03
C VAL A 44 11.11 20.96 26.31
N ILE A 45 10.72 21.67 25.24
CA ILE A 45 10.00 22.97 25.30
C ILE A 45 8.51 22.71 25.55
N ARG A 46 7.95 21.72 24.83
CA ARG A 46 6.53 21.39 24.98
C ARG A 46 6.17 20.03 24.40
N ILE A 47 5.14 19.38 24.98
CA ILE A 47 4.65 18.09 24.49
C ILE A 47 3.16 18.28 24.20
N GLN A 48 2.76 18.05 22.93
CA GLN A 48 1.36 18.17 22.49
C GLN A 48 0.79 16.86 21.97
N LYS A 49 -0.48 16.59 22.28
CA LYS A 49 -1.16 15.36 21.83
C LYS A 49 -1.98 15.73 20.60
N VAL A 50 -1.81 14.97 19.52
CA VAL A 50 -2.48 15.22 18.26
C VAL A 50 -3.84 14.50 18.29
N VAL A 51 -4.91 15.28 18.14
CA VAL A 51 -6.26 14.73 18.09
C VAL A 51 -6.84 15.10 16.73
N ASN A 52 -7.21 14.07 15.97
CA ASN A 52 -7.81 14.28 14.66
C ASN A 52 -8.71 13.10 14.45
N LYS A 53 -10.02 13.32 14.46
CA LYS A 53 -11.04 12.29 14.34
C LYS A 53 -10.84 11.37 13.10
N LYS A 54 -10.58 11.96 11.91
CA LYS A 54 -10.34 11.22 10.63
C LYS A 54 -9.10 10.34 10.75
N LEU A 55 -7.97 10.89 11.26
CA LEU A 55 -6.74 10.11 11.44
C LEU A 55 -6.97 8.98 12.44
N ARG A 56 -7.69 9.25 13.57
CA ARG A 56 -7.99 8.19 14.56
C ARG A 56 -8.89 7.11 13.94
N GLU A 57 -9.90 7.51 13.17
CA GLU A 57 -10.78 6.53 12.53
C GLU A 57 -9.96 5.60 11.58
N ARG A 58 -9.08 6.18 10.74
CA ARG A 58 -8.28 5.36 9.81
C ARG A 58 -7.35 4.39 10.56
N PHE A 59 -6.68 4.88 11.59
CA PHE A 59 -5.78 4.08 12.43
C PHE A 59 -6.58 2.95 13.11
N CYS A 60 -7.76 3.27 13.64
CA CYS A 60 -8.61 2.28 14.30
C CYS A 60 -9.11 1.23 13.27
N HIS A 61 -9.52 1.69 12.09
CA HIS A 61 -9.98 0.77 11.02
C HIS A 61 -8.87 -0.23 10.62
N ARG A 62 -7.64 0.24 10.49
CA ARG A 62 -6.53 -0.63 10.13
C ARG A 62 -6.13 -1.60 11.26
N GLN A 63 -6.08 -1.09 12.51
CA GLN A 63 -5.80 -1.86 13.73
C GLN A 63 -6.64 -3.15 13.77
N LYS A 64 -7.96 -3.02 13.48
CA LYS A 64 -8.92 -4.16 13.54
C LYS A 64 -8.61 -5.20 12.50
N GLU A 65 -8.27 -4.75 11.28
CA GLU A 65 -7.87 -5.64 10.20
C GLU A 65 -6.58 -6.35 10.57
N VAL A 66 -5.57 -5.59 11.05
CA VAL A 66 -4.29 -6.17 11.45
C VAL A 66 -4.51 -7.21 12.59
N SER A 67 -5.40 -6.87 13.55
CA SER A 67 -5.74 -7.72 14.68
C SER A 67 -6.22 -9.10 14.26
N GLU A 68 -7.15 -9.18 13.27
CA GLU A 68 -7.66 -10.46 12.76
C GLU A 68 -6.57 -11.37 12.18
N GLU A 69 -5.54 -10.79 11.56
CA GLU A 69 -4.46 -11.58 10.95
C GLU A 69 -3.30 -11.80 11.90
N ASN A 70 -3.41 -11.33 13.16
CA ASN A 70 -2.30 -11.43 14.11
C ASN A 70 -2.70 -12.03 15.47
N HIS A 71 -3.54 -13.09 15.47
CA HIS A 71 -3.97 -13.77 16.72
C HIS A 71 -4.65 -12.78 17.67
N ASN A 72 -5.49 -11.90 17.10
CA ASN A 72 -6.23 -10.86 17.85
C ASN A 72 -5.34 -9.87 18.62
N HIS A 73 -4.13 -9.61 18.09
CA HIS A 73 -3.20 -8.65 18.70
C HIS A 73 -2.81 -7.52 17.75
N HIS A 74 -2.73 -6.31 18.27
CA HIS A 74 -2.34 -5.15 17.48
C HIS A 74 -0.84 -5.14 17.28
N ASN A 75 -0.11 -5.54 18.36
CA ASN A 75 1.34 -5.50 18.51
C ASN A 75 1.72 -4.03 18.24
N GLU A 76 1.11 -3.16 19.03
CA GLU A 76 1.33 -1.75 19.00
C GLU A 76 2.56 -1.40 19.83
N ARG A 77 3.37 -0.47 19.32
CA ARG A 77 4.56 0.00 20.02
C ARG A 77 4.65 1.50 19.86
N MET A 78 5.13 2.19 20.91
CA MET A 78 5.33 3.63 20.87
C MET A 78 6.72 3.84 20.32
N LEU A 79 6.83 4.53 19.17
CA LEU A 79 8.15 4.71 18.53
C LEU A 79 8.36 6.12 18.04
N PHE A 80 9.64 6.56 17.96
CA PHE A 80 9.94 7.91 17.49
C PHE A 80 9.99 8.01 15.97
N HIS A 81 9.63 9.19 15.47
CA HIS A 81 9.73 9.50 14.07
C HIS A 81 10.16 10.95 13.94
N GLY A 82 11.23 11.16 13.20
CA GLY A 82 11.76 12.49 12.89
C GLY A 82 11.56 12.76 11.41
N SER A 83 11.10 13.96 11.07
CA SER A 83 10.82 14.32 9.68
C SER A 83 10.73 15.81 9.50
N PRO A 84 11.20 16.36 8.37
CA PRO A 84 10.95 17.81 8.08
C PRO A 84 9.49 18.10 7.69
N PHE A 85 8.68 17.04 7.53
CA PHE A 85 7.29 17.06 7.07
C PHE A 85 6.26 16.77 8.16
N ILE A 86 6.65 17.04 9.43
CA ILE A 86 5.79 16.85 10.61
C ILE A 86 4.49 17.58 10.41
N ASN A 87 4.54 18.83 9.90
CA ASN A 87 3.32 19.61 9.69
C ASN A 87 2.33 18.88 8.82
N ALA A 88 2.81 18.29 7.71
CA ALA A 88 1.92 17.52 6.84
C ALA A 88 1.41 16.26 7.59
N ILE A 89 2.30 15.55 8.32
CA ILE A 89 1.94 14.33 9.06
C ILE A 89 0.81 14.54 10.09
N ILE A 90 0.91 15.62 10.90
CA ILE A 90 -0.08 15.90 11.95
C ILE A 90 -1.48 16.33 11.43
N HIS A 91 -1.57 16.83 10.17
CA HIS A 91 -2.84 17.25 9.55
C HIS A 91 -3.42 16.25 8.59
N LYS A 92 -2.56 15.49 7.88
CA LYS A 92 -2.98 14.56 6.86
C LYS A 92 -2.76 13.12 7.23
N GLY A 93 -1.91 12.85 8.24
CA GLY A 93 -1.57 11.48 8.61
C GLY A 93 -0.35 11.01 7.86
N PHE A 94 0.20 9.85 8.25
CA PHE A 94 1.37 9.35 7.54
C PHE A 94 0.96 8.97 6.13
N ASP A 95 1.86 9.13 5.16
CA ASP A 95 1.51 8.82 3.77
C ASP A 95 2.68 8.09 3.12
N GLU A 96 2.55 6.75 2.91
CA GLU A 96 3.62 5.92 2.32
C GLU A 96 3.94 6.29 0.89
N ARG A 97 3.07 7.08 0.22
CA ARG A 97 3.30 7.49 -1.16
C ARG A 97 4.53 8.39 -1.27
N HIS A 98 5.00 8.91 -0.13
CA HIS A 98 6.21 9.73 -0.09
C HIS A 98 7.46 8.87 0.16
N ALA A 99 7.29 7.54 0.36
CA ALA A 99 8.42 6.64 0.58
C ALA A 99 8.80 5.86 -0.69
N GLY A 103 15.18 3.16 0.34
CA GLY A 103 15.26 2.81 1.75
C GLY A 103 15.91 1.46 1.97
N MET A 104 16.60 1.29 3.11
CA MET A 104 17.28 0.05 3.47
C MET A 104 16.37 -1.17 3.43
N PHE A 105 15.13 -1.02 3.93
CA PHE A 105 14.14 -2.09 3.94
C PHE A 105 12.95 -1.69 3.06
N GLY A 106 13.25 -0.91 2.03
CA GLY A 106 12.31 -0.48 0.99
C GLY A 106 11.40 0.68 1.32
N ALA A 107 10.31 0.78 0.54
CA ALA A 107 9.35 1.85 0.51
C ALA A 107 8.36 1.96 1.66
N GLY A 108 8.91 2.05 2.84
CA GLY A 108 8.09 2.21 4.02
C GLY A 108 8.39 3.47 4.79
N ILE A 109 7.71 3.61 5.94
CA ILE A 109 7.85 4.75 6.86
C ILE A 109 8.57 4.13 8.04
N TYR A 110 9.68 4.75 8.40
CA TYR A 110 10.63 4.23 9.38
C TYR A 110 10.52 4.88 10.75
N PHE A 111 10.55 4.03 11.79
CA PHE A 111 10.43 4.43 13.18
C PHE A 111 11.60 3.85 14.01
N ALA A 112 11.96 4.54 15.10
CA ALA A 112 13.06 4.09 15.93
C ALA A 112 12.70 4.03 17.40
N GLU A 113 13.34 3.14 18.13
CA GLU A 113 13.18 3.04 19.59
C GLU A 113 13.96 4.15 20.24
N ASN A 114 15.01 4.63 19.56
CA ASN A 114 15.87 5.67 20.07
C ASN A 114 15.49 7.02 19.51
N SER A 115 15.15 7.96 20.41
CA SER A 115 14.83 9.35 20.04
C SER A 115 15.99 10.03 19.27
N SER A 116 17.25 9.69 19.62
CA SER A 116 18.44 10.26 18.99
C SER A 116 18.55 9.76 17.56
N LYS A 117 18.01 8.56 17.25
CA LYS A 117 17.99 8.12 15.84
C LYS A 117 17.01 9.02 15.07
N SER A 118 15.76 9.17 15.57
CA SER A 118 14.82 10.10 14.92
C SER A 118 15.31 11.54 14.83
N ASN A 119 16.10 12.01 15.83
CA ASN A 119 16.64 13.37 15.78
C ASN A 119 17.55 13.61 14.53
N GLN A 120 18.18 12.55 14.01
CA GLN A 120 19.06 12.63 12.83
C GLN A 120 18.28 12.96 11.54
N TYR A 121 16.94 12.88 11.58
CA TYR A 121 16.10 13.07 10.40
C TYR A 121 15.25 14.30 10.44
N VAL A 122 15.28 15.04 11.56
CA VAL A 122 14.44 16.23 11.73
C VAL A 122 14.63 17.33 10.65
N TYR A 123 15.86 17.50 10.17
CA TYR A 123 16.20 18.50 9.15
C TYR A 123 16.46 17.82 7.80
N GLY A 124 16.15 16.53 7.71
CA GLY A 124 16.28 15.75 6.47
C GLY A 124 17.19 14.56 6.61
N ILE A 125 17.47 13.90 5.48
CA ILE A 125 18.38 12.74 5.44
C ILE A 125 19.79 13.22 5.76
N GLY A 126 20.48 12.48 6.64
CA GLY A 126 21.80 12.85 7.13
C GLY A 126 21.76 14.18 7.85
N GLY A 127 20.59 14.59 8.35
CA GLY A 127 20.43 15.89 8.97
C GLY A 127 20.37 17.05 7.98
N GLY A 128 20.33 16.77 6.66
CA GLY A 128 20.28 17.79 5.61
C GLY A 128 21.35 18.86 5.73
N THR A 129 20.94 20.14 5.73
CA THR A 129 21.86 21.27 5.91
C THR A 129 21.64 21.85 7.32
N GLY A 130 21.03 21.04 8.18
CA GLY A 130 20.73 21.49 9.54
C GLY A 130 19.61 22.50 9.60
N CYS A 131 19.62 23.29 10.64
CA CYS A 131 18.58 24.28 10.90
C CYS A 131 18.51 25.37 9.80
N PRO A 132 17.29 25.89 9.52
CA PRO A 132 17.15 26.93 8.49
C PRO A 132 18.01 28.18 8.69
N THR A 133 18.03 28.73 9.89
CA THR A 133 18.73 29.98 10.25
C THR A 133 20.26 29.88 10.25
N HIS A 134 20.82 28.84 10.90
CA HIS A 134 22.28 28.77 11.02
C HIS A 134 22.95 27.74 10.15
N LYS A 135 22.17 26.87 9.46
CA LYS A 135 22.73 25.80 8.61
C LYS A 135 23.62 24.90 9.49
N ASP A 136 23.19 24.70 10.74
CA ASP A 136 23.92 23.96 11.73
C ASP A 136 23.17 22.71 12.12
N ARG A 137 23.72 21.50 11.78
CA ARG A 137 23.04 20.24 12.13
C ARG A 137 23.08 20.00 13.65
N SER A 138 24.04 20.67 14.33
CA SER A 138 24.17 20.60 15.77
C SER A 138 23.67 21.87 16.47
N CYS A 139 22.71 22.58 15.87
CA CYS A 139 22.19 23.82 16.49
C CYS A 139 21.58 23.57 17.87
N TYR A 140 21.96 24.43 18.84
CA TYR A 140 21.46 24.37 20.20
C TYR A 140 20.47 25.53 20.40
N ILE A 141 20.28 26.36 19.36
CA ILE A 141 19.37 27.51 19.46
C ILE A 141 17.99 27.13 18.95
N CYS A 142 17.92 26.73 17.66
CA CYS A 142 16.66 26.46 16.97
C CYS A 142 15.87 25.30 17.57
N HIS A 143 14.54 25.46 17.64
CA HIS A 143 13.61 24.49 18.19
C HIS A 143 13.38 23.45 17.15
N ARG A 144 13.43 22.20 17.58
CA ARG A 144 13.21 21.05 16.72
C ARG A 144 11.91 20.41 17.12
N GLN A 145 11.39 19.55 16.23
CA GLN A 145 10.20 18.78 16.53
C GLN A 145 10.35 17.36 16.08
N MET A 146 9.83 16.43 16.87
CA MET A 146 9.76 15.02 16.52
C MET A 146 8.46 14.45 17.05
N LEU A 147 8.07 13.32 16.49
CA LEU A 147 6.86 12.64 16.91
C LEU A 147 7.18 11.41 17.76
N PHE A 148 6.27 11.07 18.67
CA PHE A 148 6.36 9.86 19.46
C PHE A 148 5.01 9.22 19.10
N CYS A 149 5.05 8.22 18.23
CA CYS A 149 3.90 7.61 17.57
C CYS A 149 3.44 6.29 18.08
N ARG A 150 2.12 6.02 17.90
CA ARG A 150 1.48 4.74 18.10
C ARG A 150 1.66 4.00 16.78
N VAL A 151 2.38 2.87 16.79
CA VAL A 151 2.65 2.15 15.55
C VAL A 151 2.11 0.73 15.66
N THR A 152 1.19 0.36 14.77
CA THR A 152 0.61 -0.99 14.69
C THR A 152 1.58 -1.87 13.88
N LEU A 153 2.41 -2.69 14.60
CA LEU A 153 3.35 -3.59 13.93
C LEU A 153 2.70 -4.88 13.43
N GLY A 154 1.64 -5.33 14.10
CA GLY A 154 0.98 -6.59 13.77
C GLY A 154 2.00 -7.71 13.80
N LYS A 155 1.97 -8.56 12.80
CA LYS A 155 2.93 -9.64 12.69
C LYS A 155 4.10 -9.11 11.92
N SER A 156 5.19 -8.82 12.63
CA SER A 156 6.45 -8.30 12.09
C SER A 156 7.25 -9.35 11.38
N PHE A 157 7.89 -8.94 10.30
CA PHE A 157 8.81 -9.81 9.58
C PHE A 157 10.19 -9.35 9.94
N LEU A 158 11.04 -10.27 10.41
CA LEU A 158 12.39 -9.88 10.81
C LEU A 158 13.37 -9.98 9.63
N GLN A 159 13.94 -8.84 9.20
CA GLN A 159 14.87 -8.76 8.04
C GLN A 159 16.28 -8.49 8.55
N PHE A 160 17.27 -9.19 8.00
CA PHE A 160 18.66 -9.00 8.47
C PHE A 160 19.67 -8.49 7.46
N SER A 161 19.19 -8.08 6.30
CA SER A 161 19.98 -7.51 5.22
C SER A 161 19.10 -6.50 4.48
N THR A 162 19.75 -5.59 3.74
CA THR A 162 19.07 -4.55 2.95
C THR A 162 18.24 -5.23 1.84
N ILE A 163 17.00 -4.82 1.69
CA ILE A 163 16.05 -5.39 0.70
C ILE A 163 15.10 -4.28 0.27
N LYS A 164 14.85 -4.15 -1.02
CA LYS A 164 13.95 -3.10 -1.46
C LYS A 164 12.51 -3.64 -1.56
N MET A 165 11.84 -3.76 -0.40
CA MET A 165 10.47 -4.22 -0.49
C MET A 165 9.43 -3.13 -0.64
N ALA A 166 8.38 -3.45 -1.39
CA ALA A 166 7.30 -2.49 -1.59
C ALA A 166 6.26 -2.58 -0.45
N HIS A 167 6.04 -3.78 0.09
CA HIS A 167 5.00 -4.06 1.08
C HIS A 167 5.54 -5.07 2.08
N ALA A 168 4.89 -5.23 3.24
CA ALA A 168 5.32 -6.25 4.20
C ALA A 168 5.15 -7.63 3.54
N PRO A 169 5.98 -8.64 3.86
CA PRO A 169 5.77 -9.96 3.23
C PRO A 169 4.35 -10.53 3.51
N PRO A 170 3.83 -11.44 2.63
CA PRO A 170 2.48 -12.00 2.87
C PRO A 170 2.29 -12.45 4.32
N GLY A 171 1.09 -12.22 4.84
CA GLY A 171 0.69 -12.55 6.20
C GLY A 171 1.33 -11.71 7.28
N HIS A 172 2.19 -10.72 6.89
CA HIS A 172 2.89 -9.81 7.79
C HIS A 172 2.41 -8.38 7.60
N HIS A 173 2.55 -7.56 8.65
CA HIS A 173 2.11 -6.16 8.66
C HIS A 173 3.22 -5.15 8.83
N SER A 174 4.44 -5.61 9.10
CA SER A 174 5.56 -4.68 9.26
C SER A 174 6.87 -5.44 9.12
N VAL A 175 7.96 -4.69 9.04
CA VAL A 175 9.30 -5.26 8.93
C VAL A 175 10.14 -4.64 10.04
N ILE A 176 10.89 -5.49 10.75
CA ILE A 176 11.84 -5.05 11.77
C ILE A 176 13.15 -5.37 11.10
N GLY A 177 13.87 -4.34 10.70
CA GLY A 177 15.09 -4.54 9.93
C GLY A 177 16.35 -4.23 10.68
N ARG A 178 17.40 -5.03 10.44
CA ARG A 178 18.71 -4.81 11.07
C ARG A 178 19.85 -4.74 10.07
N TYR A 186 21.28 -1.92 15.22
CA TYR A 186 20.03 -1.44 15.84
C TYR A 186 18.83 -1.64 14.92
N ALA A 187 17.67 -1.93 15.51
CA ALA A 187 16.47 -2.19 14.71
C ALA A 187 15.77 -0.94 14.16
N GLU A 188 15.31 -1.04 12.91
CA GLU A 188 14.50 -0.06 12.21
C GLU A 188 13.10 -0.68 12.09
N TYR A 189 12.06 0.03 12.54
CA TYR A 189 10.69 -0.48 12.50
C TYR A 189 10.02 0.12 11.30
N VAL A 190 9.58 -0.72 10.35
CA VAL A 190 9.07 -0.25 9.08
C VAL A 190 7.65 -0.73 8.78
N ILE A 191 6.78 0.22 8.46
CA ILE A 191 5.41 -0.05 8.03
C ILE A 191 5.29 0.47 6.61
N TYR A 192 4.42 -0.18 5.81
CA TYR A 192 4.21 0.14 4.40
C TYR A 192 2.85 0.75 4.11
N ARG A 193 2.13 1.09 5.17
CA ARG A 193 0.82 1.72 5.06
C ARG A 193 0.78 2.77 6.14
N GLY A 194 0.55 4.03 5.75
CA GLY A 194 0.47 5.16 6.66
C GLY A 194 -0.53 4.98 7.80
N GLU A 195 -1.67 4.34 7.52
CA GLU A 195 -2.71 4.14 8.56
C GLU A 195 -2.31 3.19 9.68
N GLN A 196 -1.08 2.63 9.60
CA GLN A 196 -0.51 1.80 10.67
C GLN A 196 0.32 2.61 11.66
N ALA A 197 0.25 3.93 11.59
CA ALA A 197 0.91 4.79 12.60
C ALA A 197 0.06 6.03 12.83
N TYR A 198 -0.07 6.39 14.11
CA TYR A 198 -0.79 7.58 14.55
C TYR A 198 0.25 8.55 15.21
N PRO A 199 0.33 9.80 14.75
CA PRO A 199 1.33 10.74 15.32
C PRO A 199 0.86 11.24 16.69
N GLU A 200 0.88 10.36 17.69
CA GLU A 200 0.30 10.61 19.01
C GLU A 200 0.82 11.87 19.70
N TYR A 201 2.17 11.96 19.87
CA TYR A 201 2.81 13.07 20.55
C TYR A 201 3.72 13.88 19.68
N LEU A 202 3.54 15.19 19.71
CA LEU A 202 4.38 16.15 19.03
C LEU A 202 5.26 16.79 20.11
N ILE A 203 6.58 16.60 20.00
CA ILE A 203 7.56 17.08 20.96
C ILE A 203 8.33 18.25 20.38
N THR A 204 8.33 19.40 21.08
CA THR A 204 9.11 20.56 20.69
C THR A 204 10.27 20.60 21.65
N TYR A 205 11.49 20.64 21.10
CA TYR A 205 12.69 20.57 21.93
C TYR A 205 13.91 21.24 21.30
N GLN A 206 14.97 21.30 22.08
CA GLN A 206 16.31 21.69 21.65
C GLN A 206 17.23 20.56 22.09
N ILE A 207 18.30 20.34 21.37
CA ILE A 207 19.34 19.42 21.83
C ILE A 207 20.17 20.35 22.76
N MET A 208 20.85 19.79 23.78
CA MET A 208 21.62 20.64 24.70
C MET A 208 23.11 20.43 24.62
N LYS A 209 23.88 21.52 24.63
CA LYS A 209 25.36 21.42 24.56
C LYS A 209 25.93 20.73 25.80
N PRO A 210 26.74 19.65 25.65
CA PRO A 210 27.23 18.92 26.84
C PRO A 210 28.02 19.75 27.86
N GLY B 2 -18.32 -15.35 5.31
CA GLY B 2 -17.48 -15.80 4.21
C GLY B 2 -17.99 -15.48 2.81
N THR B 3 -17.34 -16.02 1.77
CA THR B 3 -17.81 -15.72 0.40
C THR B 3 -18.95 -16.63 -0.04
N ILE B 4 -19.96 -16.04 -0.66
CA ILE B 4 -21.05 -16.74 -1.33
C ILE B 4 -20.98 -16.36 -2.81
N LEU B 5 -21.17 -17.34 -3.70
CA LEU B 5 -21.16 -17.11 -5.15
C LEU B 5 -22.57 -17.24 -5.65
N LEU B 6 -23.08 -16.23 -6.35
CA LEU B 6 -24.45 -16.25 -6.84
C LEU B 6 -24.43 -16.45 -8.34
N ASP B 7 -25.07 -17.50 -8.84
CA ASP B 7 -25.16 -17.76 -10.27
C ASP B 7 -26.04 -16.81 -10.96
N LEU B 8 -25.57 -16.26 -12.07
CA LEU B 8 -26.43 -15.42 -12.89
C LEU B 8 -26.94 -16.30 -14.01
N ALA B 9 -28.23 -16.16 -14.36
CA ALA B 9 -28.87 -16.93 -15.40
C ALA B 9 -28.51 -16.32 -16.74
N PRO B 10 -28.40 -17.10 -17.83
CA PRO B 10 -28.08 -16.49 -19.15
C PRO B 10 -29.12 -15.50 -19.68
N GLU B 11 -30.36 -15.60 -19.22
CA GLU B 11 -31.44 -14.71 -19.66
C GLU B 11 -31.38 -13.39 -18.90
N ASP B 12 -30.57 -13.33 -17.83
CA ASP B 12 -30.36 -12.09 -17.08
C ASP B 12 -29.51 -11.12 -17.95
N LYS B 13 -29.95 -9.86 -18.08
CA LYS B 13 -29.23 -8.83 -18.85
C LYS B 13 -27.83 -8.50 -18.25
N GLU B 14 -27.62 -8.78 -16.94
CA GLU B 14 -26.35 -8.62 -16.21
C GLU B 14 -25.33 -9.69 -16.66
N TYR B 15 -25.81 -10.94 -16.84
CA TYR B 15 -25.00 -12.03 -17.37
C TYR B 15 -24.55 -11.59 -18.78
N GLN B 16 -25.52 -11.18 -19.60
CA GLN B 16 -25.35 -10.75 -20.99
C GLN B 16 -24.43 -9.57 -21.17
N SER B 17 -24.51 -8.57 -20.26
CA SER B 17 -23.58 -7.44 -20.37
C SER B 17 -22.16 -7.87 -20.00
N VAL B 18 -21.99 -8.77 -19.00
CA VAL B 18 -20.66 -9.27 -18.65
C VAL B 18 -20.06 -10.12 -19.79
N GLU B 19 -20.85 -11.07 -20.35
CA GLU B 19 -20.36 -11.87 -21.49
C GLU B 19 -20.01 -10.96 -22.69
N GLU B 20 -20.83 -9.93 -22.98
CA GLU B 20 -20.56 -9.01 -24.08
C GLU B 20 -19.26 -8.21 -23.91
N GLU B 21 -18.98 -7.67 -22.68
CA GLU B 21 -17.73 -6.95 -22.42
C GLU B 21 -16.55 -7.94 -22.58
N MET B 22 -16.71 -9.19 -22.12
CA MET B 22 -15.67 -10.20 -22.24
C MET B 22 -15.37 -10.53 -23.71
N GLN B 23 -16.44 -10.79 -24.48
CA GLN B 23 -16.34 -11.18 -25.90
C GLN B 23 -15.87 -10.06 -26.82
N SER B 24 -16.31 -8.85 -26.55
CA SER B 24 -15.95 -7.75 -27.45
C SER B 24 -14.59 -7.15 -27.19
N THR B 25 -13.90 -7.54 -26.11
CA THR B 25 -12.59 -6.97 -25.75
C THR B 25 -11.42 -7.89 -26.07
N ILE B 26 -11.63 -8.84 -26.94
CA ILE B 26 -10.62 -9.74 -27.44
C ILE B 26 -9.83 -8.94 -28.46
N ARG B 27 -8.52 -8.98 -28.33
CA ARG B 27 -7.65 -8.28 -29.28
C ARG B 27 -6.43 -9.16 -29.59
N GLU B 28 -5.69 -8.79 -30.63
CA GLU B 28 -4.47 -9.46 -31.01
C GLU B 28 -3.41 -9.06 -29.98
N HIS B 29 -2.49 -9.98 -29.63
CA HIS B 29 -1.43 -9.66 -28.69
C HIS B 29 -0.07 -9.80 -29.39
N ARG B 30 0.95 -9.07 -28.91
CA ARG B 30 2.31 -9.03 -29.47
C ARG B 30 2.94 -10.44 -29.53
N ASP B 31 2.65 -11.30 -28.54
CA ASP B 31 3.22 -12.65 -28.50
C ASP B 31 2.56 -13.61 -29.51
N GLY B 32 1.60 -13.08 -30.27
CA GLY B 32 0.88 -13.81 -31.31
C GLY B 32 -0.05 -14.89 -30.83
N GLY B 33 -0.20 -15.03 -29.49
CA GLY B 33 -1.09 -16.02 -28.91
C GLY B 33 -0.39 -17.05 -28.05
N ASN B 34 0.93 -16.82 -27.75
CA ASN B 34 1.72 -17.75 -26.95
C ASN B 34 1.20 -17.93 -25.55
N ALA B 35 0.96 -16.80 -24.85
CA ALA B 35 0.52 -16.86 -23.44
C ALA B 35 -0.89 -17.34 -23.22
N GLY B 36 -1.81 -16.78 -24.00
CA GLY B 36 -3.23 -17.03 -23.79
C GLY B 36 -3.94 -18.01 -24.71
N GLY B 37 -3.27 -18.41 -25.79
CA GLY B 37 -3.87 -19.33 -26.76
C GLY B 37 -4.35 -18.68 -28.05
N ILE B 38 -4.80 -19.49 -29.00
CA ILE B 38 -5.28 -18.96 -30.26
C ILE B 38 -6.77 -19.19 -30.28
N PHE B 39 -7.54 -18.12 -30.48
CA PHE B 39 -9.00 -18.14 -30.42
C PHE B 39 -9.53 -16.83 -30.92
N ASN B 40 -10.81 -16.79 -31.32
CA ASN B 40 -11.44 -15.55 -31.75
C ASN B 40 -12.58 -15.17 -30.85
N ARG B 41 -13.05 -16.14 -30.03
CA ARG B 41 -14.19 -15.92 -29.14
C ARG B 41 -14.04 -16.90 -27.99
N TYR B 42 -14.77 -16.69 -26.89
CA TYR B 42 -14.79 -17.65 -25.78
C TYR B 42 -16.12 -18.46 -25.77
N ASN B 43 -16.13 -19.55 -25.03
CA ASN B 43 -17.36 -20.21 -24.72
C ASN B 43 -17.61 -19.80 -23.24
N VAL B 44 -18.51 -18.84 -22.98
CA VAL B 44 -18.76 -18.41 -21.60
C VAL B 44 -19.81 -19.36 -21.02
N ILE B 45 -19.46 -20.11 -19.97
CA ILE B 45 -20.35 -21.15 -19.45
C ILE B 45 -20.92 -20.88 -18.07
N ARG B 46 -20.35 -19.91 -17.37
CA ARG B 46 -20.86 -19.58 -16.04
C ARG B 46 -20.39 -18.21 -15.67
N ILE B 47 -21.30 -17.43 -15.06
CA ILE B 47 -21.01 -16.10 -14.49
C ILE B 47 -21.59 -16.09 -13.07
N GLN B 48 -20.72 -15.92 -12.06
CA GLN B 48 -21.14 -15.86 -10.64
C GLN B 48 -20.82 -14.50 -10.05
N LYS B 49 -21.75 -13.91 -9.27
CA LYS B 49 -21.43 -12.66 -8.56
C LYS B 49 -20.80 -13.06 -7.23
N VAL B 50 -19.69 -12.44 -6.87
CA VAL B 50 -18.97 -12.77 -5.63
C VAL B 50 -19.56 -11.87 -4.52
N VAL B 51 -20.14 -12.51 -3.47
CA VAL B 51 -20.76 -11.81 -2.35
C VAL B 51 -20.00 -12.08 -1.08
N ASN B 52 -19.41 -11.04 -0.53
CA ASN B 52 -18.64 -11.06 0.72
C ASN B 52 -18.75 -9.67 1.35
N LYS B 53 -19.40 -9.62 2.54
CA LYS B 53 -19.65 -8.41 3.33
C LYS B 53 -18.35 -7.79 3.82
N LYS B 54 -17.44 -8.60 4.37
CA LYS B 54 -16.16 -8.13 4.87
C LYS B 54 -15.31 -7.47 3.75
N LEU B 55 -15.22 -8.10 2.56
CA LEU B 55 -14.46 -7.54 1.42
C LEU B 55 -15.15 -6.31 0.86
N ARG B 56 -16.49 -6.30 0.83
CA ARG B 56 -17.23 -5.15 0.32
C ARG B 56 -16.99 -3.92 1.22
N GLU B 57 -17.01 -4.12 2.55
CA GLU B 57 -16.75 -3.06 3.52
C GLU B 57 -15.34 -2.45 3.32
N ARG B 58 -14.29 -3.29 3.16
CA ARG B 58 -12.93 -2.76 2.98
C ARG B 58 -12.84 -1.98 1.70
N PHE B 59 -13.53 -2.46 0.64
CA PHE B 59 -13.56 -1.81 -0.66
C PHE B 59 -14.25 -0.47 -0.54
N CYS B 60 -15.47 -0.44 0.07
CA CYS B 60 -16.25 0.78 0.20
C CYS B 60 -15.59 1.85 1.09
N HIS B 61 -14.96 1.40 2.18
CA HIS B 61 -14.22 2.29 3.10
C HIS B 61 -13.09 3.01 2.32
N ARG B 62 -12.34 2.25 1.52
CA ARG B 62 -11.24 2.81 0.74
C ARG B 62 -11.76 3.77 -0.35
N GLN B 63 -12.87 3.42 -1.00
CA GLN B 63 -13.45 4.25 -2.05
C GLN B 63 -13.84 5.65 -1.54
N LYS B 64 -14.33 5.75 -0.30
CA LYS B 64 -14.67 7.05 0.31
C LYS B 64 -13.40 7.86 0.56
N GLU B 65 -12.33 7.21 1.02
CA GLU B 65 -11.03 7.87 1.28
C GLU B 65 -10.43 8.39 -0.02
N VAL B 66 -10.52 7.60 -1.11
CA VAL B 66 -10.04 8.00 -2.44
C VAL B 66 -10.90 9.18 -2.93
N SER B 67 -12.22 9.06 -2.82
CA SER B 67 -13.14 10.11 -3.24
C SER B 67 -12.76 11.49 -2.60
N GLU B 68 -12.51 11.52 -1.28
CA GLU B 68 -12.10 12.72 -0.54
C GLU B 68 -10.86 13.40 -1.13
N GLU B 69 -9.94 12.61 -1.74
CA GLU B 69 -8.70 13.13 -2.32
C GLU B 69 -8.80 13.29 -3.82
N ASN B 70 -9.96 13.05 -4.40
CA ASN B 70 -10.08 13.13 -5.85
C ASN B 70 -11.33 13.91 -6.28
N HIS B 71 -11.54 15.10 -5.68
CA HIS B 71 -12.66 16.01 -5.97
C HIS B 71 -13.99 15.26 -5.94
N ASN B 72 -14.17 14.44 -4.87
CA ASN B 72 -15.32 13.57 -4.66
C ASN B 72 -15.59 12.56 -5.79
N HIS B 73 -14.52 12.10 -6.46
CA HIS B 73 -14.67 11.12 -7.55
C HIS B 73 -13.95 9.82 -7.22
N HIS B 74 -14.66 8.70 -7.39
CA HIS B 74 -14.10 7.36 -7.18
C HIS B 74 -13.22 7.01 -8.36
N ASN B 75 -13.69 7.38 -9.59
CA ASN B 75 -13.10 7.01 -10.87
C ASN B 75 -13.02 5.45 -10.88
N GLU B 76 -14.17 4.80 -10.60
CA GLU B 76 -14.23 3.36 -10.59
C GLU B 76 -14.41 2.87 -12.02
N ARG B 77 -13.69 1.79 -12.39
CA ARG B 77 -13.77 1.19 -13.72
C ARG B 77 -13.90 -0.32 -13.56
N MET B 78 -14.63 -0.94 -14.49
CA MET B 78 -14.81 -2.39 -14.58
C MET B 78 -13.65 -2.87 -15.44
N LEU B 79 -12.79 -3.70 -14.87
CA LEU B 79 -11.60 -4.19 -15.59
C LEU B 79 -11.42 -5.68 -15.28
N PHE B 80 -10.73 -6.40 -16.16
CA PHE B 80 -10.50 -7.84 -16.00
C PHE B 80 -9.24 -8.12 -15.24
N HIS B 81 -9.20 -9.27 -14.56
CA HIS B 81 -8.02 -9.76 -13.86
C HIS B 81 -7.95 -11.26 -13.99
N GLY B 82 -6.83 -11.76 -14.52
CA GLY B 82 -6.59 -13.21 -14.63
C GLY B 82 -5.53 -13.58 -13.63
N SER B 83 -5.70 -14.72 -12.97
CA SER B 83 -4.75 -15.16 -11.96
C SER B 83 -4.92 -16.64 -11.67
N PRO B 84 -3.85 -17.41 -11.36
CA PRO B 84 -4.07 -18.78 -10.90
C PRO B 84 -4.57 -18.81 -9.44
N PHE B 85 -4.58 -17.63 -8.77
CA PHE B 85 -5.01 -17.47 -7.38
C PHE B 85 -6.41 -16.89 -7.21
N ILE B 86 -7.32 -17.16 -8.17
CA ILE B 86 -8.71 -16.71 -8.12
C ILE B 86 -9.35 -17.13 -6.81
N ASN B 87 -9.13 -18.40 -6.38
CA ASN B 87 -9.76 -18.93 -5.16
C ASN B 87 -9.43 -18.12 -3.91
N ALA B 88 -8.15 -17.76 -3.75
CA ALA B 88 -7.70 -16.91 -2.63
C ALA B 88 -8.31 -15.51 -2.76
N ILE B 89 -8.31 -14.94 -3.99
CA ILE B 89 -8.83 -13.58 -4.23
C ILE B 89 -10.33 -13.48 -3.85
N ILE B 90 -11.14 -14.48 -4.26
CA ILE B 90 -12.58 -14.42 -4.00
C ILE B 90 -12.97 -14.61 -2.54
N HIS B 91 -12.08 -15.23 -1.72
CA HIS B 91 -12.31 -15.49 -0.29
C HIS B 91 -11.69 -14.46 0.64
N LYS B 92 -10.45 -14.01 0.35
CA LYS B 92 -9.70 -13.06 1.17
C LYS B 92 -9.57 -11.66 0.51
N GLY B 93 -9.96 -11.53 -0.75
CA GLY B 93 -9.84 -10.28 -1.47
C GLY B 93 -8.48 -10.11 -2.10
N PHE B 94 -8.30 -9.02 -2.84
CA PHE B 94 -7.01 -8.74 -3.46
C PHE B 94 -5.99 -8.35 -2.39
N ASP B 95 -4.78 -8.86 -2.48
CA ASP B 95 -3.72 -8.63 -1.51
C ASP B 95 -2.41 -8.24 -2.23
N GLU B 96 -2.01 -6.97 -2.10
CA GLU B 96 -0.78 -6.48 -2.74
C GLU B 96 0.51 -7.03 -2.11
N ARG B 97 0.43 -7.67 -0.91
CA ARG B 97 1.62 -8.28 -0.30
C ARG B 97 2.17 -9.43 -1.16
N HIS B 98 1.36 -9.91 -2.12
CA HIS B 98 1.78 -10.91 -3.06
C HIS B 98 2.49 -10.29 -4.30
N ALA B 99 2.55 -8.95 -4.39
CA ALA B 99 3.21 -8.24 -5.50
C ALA B 99 4.59 -7.72 -5.04
N TYR B 100 5.64 -8.14 -5.74
CA TYR B 100 7.03 -7.77 -5.45
C TYR B 100 7.64 -6.92 -6.53
N GLY B 103 6.45 -6.25 -11.21
CA GLY B 103 5.82 -6.14 -12.51
C GLY B 103 6.39 -5.02 -13.34
N MET B 104 5.84 -4.77 -14.55
CA MET B 104 6.33 -3.70 -15.40
C MET B 104 6.25 -2.30 -14.75
N PHE B 105 5.21 -2.06 -13.98
CA PHE B 105 4.99 -0.77 -13.33
C PHE B 105 5.04 -0.93 -11.81
N GLY B 106 5.85 -1.86 -11.35
CA GLY B 106 6.05 -2.05 -9.92
C GLY B 106 5.15 -3.06 -9.23
N ALA B 107 5.21 -3.06 -7.89
CA ALA B 107 4.54 -4.01 -7.00
C ALA B 107 3.07 -3.73 -6.80
N GLY B 108 2.33 -3.75 -7.90
CA GLY B 108 0.90 -3.55 -7.83
C GLY B 108 0.13 -4.76 -8.31
N ILE B 109 -1.17 -4.62 -8.39
CA ILE B 109 -2.13 -5.62 -8.90
C ILE B 109 -2.60 -5.03 -10.21
N TYR B 110 -2.45 -5.80 -11.26
CA TYR B 110 -2.65 -5.44 -12.66
C TYR B 110 -3.98 -5.86 -13.22
N PHE B 111 -4.61 -4.92 -13.92
CA PHE B 111 -5.94 -5.11 -14.53
C PHE B 111 -5.92 -4.65 -15.98
N ALA B 112 -6.84 -5.17 -16.81
CA ALA B 112 -6.90 -4.81 -18.22
C ALA B 112 -8.30 -4.49 -18.68
N GLU B 113 -8.42 -3.66 -19.72
CA GLU B 113 -9.67 -3.37 -20.37
C GLU B 113 -10.03 -4.56 -21.25
N ASN B 114 -9.02 -5.26 -21.80
CA ASN B 114 -9.21 -6.37 -22.71
C ASN B 114 -9.20 -7.70 -22.00
N SER B 115 -10.29 -8.48 -22.14
CA SER B 115 -10.32 -9.80 -21.51
C SER B 115 -9.18 -10.72 -22.02
N SER B 116 -8.81 -10.62 -23.32
CA SER B 116 -7.73 -11.47 -23.84
C SER B 116 -6.37 -11.20 -23.19
N LYS B 117 -6.20 -9.99 -22.65
CA LYS B 117 -4.96 -9.66 -21.90
C LYS B 117 -5.00 -10.41 -20.57
N SER B 118 -6.12 -10.37 -19.84
CA SER B 118 -6.21 -11.08 -18.56
C SER B 118 -6.16 -12.59 -18.74
N ASN B 119 -6.62 -13.08 -19.93
CA ASN B 119 -6.58 -14.50 -20.30
C ASN B 119 -5.14 -15.04 -20.39
N GLN B 120 -4.16 -14.16 -20.59
CA GLN B 120 -2.74 -14.51 -20.63
C GLN B 120 -2.20 -14.84 -19.27
N TYR B 121 -2.95 -14.55 -18.19
CA TYR B 121 -2.47 -14.75 -16.80
C TYR B 121 -3.24 -15.79 -16.00
N VAL B 122 -4.27 -16.37 -16.59
CA VAL B 122 -5.12 -17.35 -15.92
C VAL B 122 -4.31 -18.57 -15.43
N TYR B 123 -3.37 -19.07 -16.26
CA TYR B 123 -2.58 -20.25 -15.90
C TYR B 123 -1.18 -19.95 -15.30
N GLY B 124 -0.90 -18.67 -15.07
CA GLY B 124 0.38 -18.19 -14.56
C GLY B 124 0.90 -17.05 -15.41
N ILE B 125 2.11 -16.57 -15.10
CA ILE B 125 2.77 -15.49 -15.83
C ILE B 125 3.08 -16.00 -17.22
N GLY B 126 2.65 -15.26 -18.24
CA GLY B 126 2.84 -15.68 -19.63
C GLY B 126 2.17 -17.02 -19.89
N GLY B 127 1.08 -17.29 -19.16
CA GLY B 127 0.33 -18.53 -19.27
C GLY B 127 0.97 -19.73 -18.61
N GLY B 128 2.11 -19.54 -17.92
CA GLY B 128 2.89 -20.60 -17.26
C GLY B 128 3.12 -21.81 -18.14
N THR B 129 2.85 -23.00 -17.59
CA THR B 129 2.96 -24.25 -18.38
C THR B 129 1.61 -24.59 -19.02
N GLY B 130 0.62 -23.71 -18.93
CA GLY B 130 -0.69 -23.97 -19.49
C GLY B 130 -1.61 -24.67 -18.53
N CYS B 131 -2.64 -25.35 -19.06
CA CYS B 131 -3.65 -26.03 -18.22
C CYS B 131 -3.00 -27.12 -17.37
N PRO B 132 -3.50 -27.40 -16.15
CA PRO B 132 -2.85 -28.45 -15.34
C PRO B 132 -2.93 -29.84 -15.99
N THR B 133 -4.04 -30.18 -16.67
CA THR B 133 -4.23 -31.50 -17.29
C THR B 133 -3.38 -31.73 -18.52
N HIS B 134 -3.43 -30.81 -19.50
CA HIS B 134 -2.70 -31.06 -20.75
C HIS B 134 -1.44 -30.22 -20.95
N LYS B 135 -1.04 -29.37 -19.98
CA LYS B 135 0.14 -28.47 -20.12
C LYS B 135 0.11 -27.71 -21.44
N ASP B 136 -1.11 -27.29 -21.87
CA ASP B 136 -1.32 -26.59 -23.12
C ASP B 136 -1.85 -25.20 -22.82
N ARG B 137 -1.08 -24.16 -23.20
CA ARG B 137 -1.48 -22.75 -23.03
C ARG B 137 -2.69 -22.36 -23.90
N SER B 138 -2.89 -23.10 -25.01
CA SER B 138 -3.99 -22.91 -25.96
C SER B 138 -5.04 -24.01 -25.79
N CYS B 139 -5.15 -24.61 -24.59
CA CYS B 139 -6.12 -25.69 -24.38
C CYS B 139 -7.57 -25.23 -24.64
N TYR B 140 -8.31 -26.00 -25.45
CA TYR B 140 -9.70 -25.71 -25.76
C TYR B 140 -10.65 -26.56 -24.89
N ILE B 141 -10.08 -27.48 -24.11
CA ILE B 141 -10.85 -28.42 -23.29
C ILE B 141 -11.05 -27.86 -21.90
N CYS B 142 -9.96 -27.45 -21.28
CA CYS B 142 -9.96 -27.03 -19.90
C CYS B 142 -10.67 -25.71 -19.62
N HIS B 143 -11.36 -25.67 -18.50
CA HIS B 143 -12.14 -24.53 -18.03
C HIS B 143 -11.22 -23.49 -17.42
N ARG B 144 -11.36 -22.24 -17.87
CA ARG B 144 -10.59 -21.15 -17.34
C ARG B 144 -11.50 -20.27 -16.51
N GLN B 145 -10.92 -19.52 -15.57
CA GLN B 145 -11.68 -18.54 -14.79
C GLN B 145 -10.92 -17.22 -14.83
N MET B 146 -11.67 -16.13 -14.84
CA MET B 146 -11.16 -14.76 -14.88
C MET B 146 -12.12 -13.95 -14.04
N LEU B 147 -11.67 -12.78 -13.55
CA LEU B 147 -12.52 -11.89 -12.76
C LEU B 147 -12.80 -10.67 -13.52
N PHE B 148 -14.01 -10.12 -13.36
CA PHE B 148 -14.40 -8.86 -13.93
C PHE B 148 -14.71 -8.03 -12.68
N CYS B 149 -13.78 -7.11 -12.33
CA CYS B 149 -13.69 -6.36 -11.09
C CYS B 149 -14.05 -4.89 -11.15
N ARG B 150 -14.55 -4.35 -10.03
CA ARG B 150 -14.79 -2.93 -9.82
C ARG B 150 -13.40 -2.48 -9.36
N VAL B 151 -12.81 -1.50 -10.01
CA VAL B 151 -11.48 -1.06 -9.62
C VAL B 151 -11.56 0.44 -9.31
N THR B 152 -11.14 0.83 -8.07
CA THR B 152 -11.03 2.22 -7.61
C THR B 152 -9.72 2.83 -8.10
N LEU B 153 -9.80 3.58 -9.19
CA LEU B 153 -8.59 4.20 -9.73
C LEU B 153 -8.26 5.55 -9.09
N GLY B 154 -9.29 6.32 -8.70
CA GLY B 154 -9.14 7.67 -8.17
C GLY B 154 -8.37 8.50 -9.17
N LYS B 155 -7.33 9.19 -8.69
CA LYS B 155 -6.48 9.97 -9.57
C LYS B 155 -5.35 9.08 -10.06
N SER B 156 -5.39 8.80 -11.34
CA SER B 156 -4.41 7.94 -12.02
C SER B 156 -3.19 8.72 -12.41
N PHE B 157 -2.04 8.10 -12.22
CA PHE B 157 -0.79 8.67 -12.67
C PHE B 157 -0.48 7.98 -13.99
N LEU B 158 -0.11 8.75 -15.03
CA LEU B 158 0.20 8.16 -16.35
C LEU B 158 1.69 7.89 -16.52
N GLN B 159 2.07 6.61 -16.67
CA GLN B 159 3.47 6.16 -16.74
C GLN B 159 3.79 5.62 -18.14
N PHE B 160 4.92 6.04 -18.71
CA PHE B 160 5.29 5.73 -20.10
C PHE B 160 6.58 4.93 -20.31
N SER B 161 6.97 4.22 -19.27
CA SER B 161 8.16 3.35 -19.32
C SER B 161 8.11 2.39 -18.17
N THR B 162 8.87 1.29 -18.22
CA THR B 162 8.95 0.37 -17.08
C THR B 162 9.55 1.11 -15.87
N ILE B 163 9.10 0.74 -14.66
CA ILE B 163 9.49 1.40 -13.42
C ILE B 163 9.25 0.48 -12.19
N LYS B 164 10.13 0.60 -11.18
CA LYS B 164 10.01 -0.10 -9.90
C LYS B 164 9.21 0.86 -9.03
N MET B 165 7.98 0.52 -8.77
CA MET B 165 7.14 1.38 -7.98
C MET B 165 6.50 0.59 -6.85
N ALA B 166 6.49 1.14 -5.65
CA ALA B 166 5.87 0.43 -4.53
C ALA B 166 4.44 0.87 -4.30
N HIS B 167 4.18 2.17 -4.49
CA HIS B 167 2.88 2.78 -4.21
C HIS B 167 2.62 3.77 -5.33
N ALA B 168 1.36 4.27 -5.48
CA ALA B 168 1.07 5.30 -6.49
C ALA B 168 1.84 6.58 -6.11
N PRO B 169 2.18 7.46 -7.06
CA PRO B 169 2.90 8.70 -6.68
C PRO B 169 2.08 9.59 -5.72
N PRO B 170 2.73 10.50 -4.96
CA PRO B 170 1.98 11.38 -4.06
C PRO B 170 0.78 12.03 -4.73
N GLY B 171 -0.36 11.99 -4.05
CA GLY B 171 -1.64 12.56 -4.49
C GLY B 171 -2.39 11.71 -5.51
N HIS B 172 -1.84 10.52 -5.87
CA HIS B 172 -2.47 9.65 -6.86
C HIS B 172 -2.88 8.34 -6.19
N HIS B 173 -3.77 7.59 -6.83
CA HIS B 173 -4.32 6.33 -6.30
C HIS B 173 -4.08 5.12 -7.20
N SER B 174 -3.62 5.35 -8.40
CA SER B 174 -3.35 4.27 -9.35
C SER B 174 -2.37 4.73 -10.40
N VAL B 175 -1.90 3.77 -11.21
CA VAL B 175 -0.97 4.04 -12.32
C VAL B 175 -1.60 3.42 -13.55
N ILE B 176 -1.63 4.19 -14.65
CA ILE B 176 -2.02 3.67 -15.95
C ILE B 176 -0.71 3.62 -16.71
N GLY B 177 -0.15 2.42 -16.86
CA GLY B 177 1.16 2.27 -17.47
C GLY B 177 1.17 1.83 -18.90
N ARG B 178 2.08 2.43 -19.68
CA ARG B 178 2.33 2.10 -21.08
C ARG B 178 3.84 1.80 -21.20
N PRO B 179 4.24 0.78 -22.00
CA PRO B 179 5.67 0.39 -22.03
C PRO B 179 6.58 1.32 -22.79
N SER B 180 6.02 2.22 -23.60
CA SER B 180 6.76 3.16 -24.41
C SER B 180 6.06 4.49 -24.39
N VAL B 181 6.81 5.55 -24.78
CA VAL B 181 6.31 6.93 -24.79
C VAL B 181 5.46 7.14 -26.01
N ASN B 182 4.28 6.56 -25.93
CA ASN B 182 3.26 6.57 -26.97
C ASN B 182 1.91 6.52 -26.26
N GLY B 183 1.15 7.62 -26.37
CA GLY B 183 -0.19 7.74 -25.78
C GLY B 183 -1.23 6.82 -26.40
N LEU B 184 -0.83 6.06 -27.45
CA LEU B 184 -1.67 5.12 -28.19
C LEU B 184 -1.42 3.66 -27.80
N ALA B 185 -0.28 3.36 -27.10
CA ALA B 185 0.09 2.00 -26.65
C ALA B 185 -0.95 1.41 -25.68
N TYR B 186 -1.06 0.06 -25.61
CA TYR B 186 -2.04 -0.56 -24.71
C TYR B 186 -1.63 -0.38 -23.24
N ALA B 187 -2.56 0.11 -22.43
CA ALA B 187 -2.33 0.37 -21.02
C ALA B 187 -2.65 -0.80 -20.12
N GLU B 188 -1.97 -0.79 -18.97
CA GLU B 188 -2.13 -1.71 -17.86
C GLU B 188 -2.55 -0.81 -16.72
N TYR B 189 -3.57 -1.23 -15.95
CA TYR B 189 -4.14 -0.49 -14.82
C TYR B 189 -3.63 -1.13 -13.58
N VAL B 190 -2.93 -0.34 -12.78
CA VAL B 190 -2.25 -0.84 -11.61
C VAL B 190 -2.70 -0.07 -10.36
N ILE B 191 -3.05 -0.81 -9.31
CA ILE B 191 -3.37 -0.35 -7.97
C ILE B 191 -2.34 -0.98 -7.02
N TYR B 192 -2.00 -0.30 -5.94
CA TYR B 192 -0.97 -0.79 -5.01
C TYR B 192 -1.61 -1.13 -3.62
N ARG B 193 -2.94 -1.11 -3.56
CA ARG B 193 -3.68 -1.49 -2.36
C ARG B 193 -4.78 -2.43 -2.82
N GLY B 194 -4.78 -3.66 -2.27
CA GLY B 194 -5.77 -4.66 -2.61
C GLY B 194 -7.19 -4.17 -2.43
N GLU B 195 -7.44 -3.31 -1.41
CA GLU B 195 -8.78 -2.75 -1.13
C GLU B 195 -9.34 -1.84 -2.24
N GLN B 196 -8.52 -1.54 -3.28
CA GLN B 196 -8.97 -0.72 -4.41
C GLN B 196 -9.59 -1.50 -5.55
N ALA B 197 -9.84 -2.80 -5.35
CA ALA B 197 -10.52 -3.64 -6.32
C ALA B 197 -11.40 -4.64 -5.58
N TYR B 198 -12.56 -4.90 -6.17
CA TYR B 198 -13.51 -5.85 -5.62
C TYR B 198 -13.75 -6.89 -6.71
N PRO B 199 -13.60 -8.21 -6.42
CA PRO B 199 -13.76 -9.22 -7.49
C PRO B 199 -15.24 -9.48 -7.77
N GLU B 200 -15.91 -8.54 -8.44
CA GLU B 200 -17.37 -8.57 -8.65
C GLU B 200 -17.91 -9.83 -9.31
N TYR B 201 -17.32 -10.19 -10.47
CA TYR B 201 -17.78 -11.34 -11.26
C TYR B 201 -16.71 -12.35 -11.50
N LEU B 202 -17.08 -13.62 -11.29
CA LEU B 202 -16.24 -14.79 -11.52
C LEU B 202 -16.84 -15.44 -12.76
N ILE B 203 -16.06 -15.43 -13.84
CA ILE B 203 -16.44 -15.91 -15.16
C ILE B 203 -15.70 -17.22 -15.40
N THR B 204 -16.45 -18.29 -15.77
CA THR B 204 -15.92 -19.61 -16.15
C THR B 204 -16.11 -19.69 -17.64
N TYR B 205 -15.05 -20.07 -18.35
CA TYR B 205 -15.12 -20.05 -19.80
C TYR B 205 -14.07 -20.95 -20.39
N GLN B 206 -14.14 -21.08 -21.69
CA GLN B 206 -13.09 -21.75 -22.47
C GLN B 206 -12.83 -20.84 -23.62
N ILE B 207 -11.59 -20.84 -24.12
CA ILE B 207 -11.25 -20.17 -25.36
C ILE B 207 -11.75 -21.20 -26.42
N MET B 208 -12.20 -20.73 -27.57
CA MET B 208 -12.67 -21.67 -28.60
C MET B 208 -11.76 -21.63 -29.80
N LYS B 209 -11.55 -22.78 -30.45
CA LYS B 209 -10.67 -22.78 -31.62
C LYS B 209 -11.23 -21.88 -32.74
N PRO B 210 -10.37 -21.24 -33.57
CA PRO B 210 -10.90 -20.43 -34.69
C PRO B 210 -11.63 -21.34 -35.69
N GLU B 211 -12.67 -20.81 -36.36
CA GLU B 211 -13.47 -21.56 -37.33
C GLU B 211 -13.85 -20.67 -38.53
ZN ZN C . 19.83 27.20 14.27
CAA P34 D . 17.73 7.81 2.25
N P34 D . 16.59 6.89 2.37
CAB P34 D . 16.25 6.34 1.06
CA P34 D . 15.37 7.57 2.91
C P34 D . 15.25 7.56 4.45
O P34 D . 16.12 6.99 5.10
NAM P34 D . 14.17 8.21 4.96
CAP P34 D . 13.76 8.40 6.31
CAK P34 D . 14.15 7.51 7.35
CAU P34 D . 13.83 7.74 8.71
CAT P34 D . 14.23 6.85 9.82
CAI P34 D . 15.07 5.70 9.63
CAF P34 D . 15.37 4.83 10.69
CAE P34 D . 14.90 5.12 11.99
CAH P34 D . 14.12 6.26 12.23
CAS P34 D . 13.82 7.15 11.17
CAQ P34 D . 12.99 8.38 11.42
OAD P34 D . 12.60 8.70 12.55
NAN P34 D . 12.69 9.15 10.37
CAR P34 D . 13.10 8.92 9.02
CAJ P34 D . 12.66 9.81 7.99
CAG P34 D . 13.05 9.58 6.64
CAA P34 E . 10.54 16.94 -0.88
N P34 E . 9.17 16.72 -1.39
CAB P34 E . 8.93 17.55 -2.56
CA P34 E . 8.12 16.99 -0.35
C P34 E . 7.80 15.76 0.52
O P34 E . 8.43 14.70 0.36
NAM P34 E . 6.84 15.95 1.44
CAP P34 E . 6.28 15.02 2.37
CAK P34 E . 6.95 13.84 2.77
CAU P34 E . 6.34 12.92 3.68
CAT P34 E . 6.99 11.64 4.10
CAI P34 E . 8.32 11.30 3.71
CAF P34 E . 8.92 10.10 4.13
CAE P34 E . 8.20 9.23 4.99
CAH P34 E . 6.89 9.55 5.41
CAS P34 E . 6.28 10.77 4.98
CAQ P34 E . 4.86 11.10 5.40
OAD P34 E . 4.20 10.36 6.11
NAN P34 E . 4.34 12.24 4.93
CAR P34 E . 5.01 13.17 4.10
CAJ P34 E . 4.31 14.34 3.68
CAG P34 E . 4.94 15.24 2.79
S SO4 F . -0.79 -5.43 21.84
O1 SO4 F . -0.77 -4.09 21.22
O2 SO4 F . 0.38 -5.58 22.71
O3 SO4 F . -2.02 -5.56 22.63
O4 SO4 F . -0.75 -6.51 20.84
S SO4 G . 23.59 4.36 13.71
O1 SO4 G . 24.37 4.43 14.94
O2 SO4 G . 24.27 5.06 12.64
O3 SO4 G . 23.41 2.97 13.33
O4 SO4 G . 22.30 4.99 13.88
S SO4 H . 25.56 17.60 30.05
O1 SO4 H . 26.18 18.63 30.89
O2 SO4 H . 26.62 16.81 29.42
O3 SO4 H . 24.72 16.72 30.88
O4 SO4 H . 24.69 18.26 29.05
S SO4 I . 3.35 22.43 13.89
O1 SO4 I . 3.39 22.43 15.36
O2 SO4 I . 4.27 23.45 13.38
O3 SO4 I . 3.79 21.13 13.38
O4 SO4 I . 1.99 22.72 13.43
ZN ZN J . -6.24 -28.77 -20.86
CAA P34 K . 6.15 -11.22 -13.64
N P34 K . 5.66 -10.01 -12.97
CAB P34 K . 6.63 -9.63 -11.95
CA P34 K . 4.35 -10.25 -12.30
C P34 K . 3.10 -10.10 -13.19
O P34 K . 3.23 -9.71 -14.36
NAM P34 K . 1.95 -10.49 -12.59
CAP P34 K . 0.62 -10.49 -13.09
CAK P34 K . 0.16 -9.57 -14.09
CAU P34 K . -1.18 -9.62 -14.57
CAT P34 K . -1.70 -8.67 -15.59
CAI P34 K . -0.85 -7.77 -16.29
CAF P34 K . -1.41 -6.89 -17.26
CAE P34 K . -2.80 -6.84 -17.48
CAH P34 K . -3.64 -7.82 -16.90
CAS P34 K . -3.11 -8.69 -15.91
CAQ P34 K . -4.01 -9.72 -15.25
OAD P34 K . -5.18 -9.83 -15.55
NAN P34 K . -3.44 -10.55 -14.35
CAR P34 K . -2.09 -10.54 -13.97
CAJ P34 K . -1.64 -11.44 -12.97
CAG P34 K . -0.29 -11.41 -12.52
CAA P34 L . 3.69 -18.58 -4.84
N P34 L . 3.00 -18.30 -3.58
CAB P34 L . 3.40 -19.27 -2.57
CA P34 L . 1.50 -18.31 -3.73
C P34 L . 0.89 -16.95 -4.12
O P34 L . 1.57 -16.11 -4.70
NAM P34 L . -0.41 -16.82 -3.83
CAP P34 L . -1.28 -15.71 -4.02
CAK P34 L . -1.03 -14.64 -4.94
CAU P34 L . -1.90 -13.50 -5.01
CAT P34 L . -1.67 -12.34 -5.92
CAI P34 L . -0.58 -12.28 -6.85
CAF P34 L . -0.38 -11.15 -7.67
CAE P34 L . -1.30 -10.07 -7.62
CAH P34 L . -2.38 -10.11 -6.71
CAS P34 L . -2.57 -11.23 -5.85
CAQ P34 L . -3.71 -11.23 -4.85
OAD P34 L . -4.50 -10.30 -4.79
NAN P34 L . -3.86 -12.32 -4.08
CAR P34 L . -3.00 -13.45 -4.10
CAJ P34 L . -3.26 -14.51 -3.19
CAG P34 L . -2.39 -15.62 -3.14
S SO4 M . 0.32 -7.12 -25.53
O1 SO4 M . -0.28 -6.11 -24.69
O2 SO4 M . 1.75 -7.06 -25.42
O3 SO4 M . -0.13 -8.45 -25.06
O4 SO4 M . -0.06 -6.91 -26.92
#